data_9R8R
#
_entry.id   9R8R
#
_cell.length_a   55.678
_cell.length_b   71.105
_cell.length_c   79.748
_cell.angle_alpha   90.000
_cell.angle_beta   90.000
_cell.angle_gamma   90.000
#
_symmetry.space_group_name_H-M   'P 21 21 21'
#
loop_
_entity.id
_entity.type
_entity.pdbx_description
1 polymer 'Coagulation factor X'
2 polymer 'Coagulation factor X'
3 non-polymer 'CALCIUM ION'
4 non-polymer '2-(1-methylimidazol-2-yl)ethyl (2~{S})-3-[(5-chloranylthiophen-2-yl)carbonylamino]-2-[[2-ethyl-3-[(3~{S})-3-oxidanyl-2-oxidanylidene-pyrrolidin-1-yl]phenyl]sulfonylamino]propanoate'
5 non-polymer GLYCEROL
6 non-polymer 3,6,9,12,15,18,21-HEPTAOXATRICOSANE-1,23-DIOL
7 water water
#
loop_
_entity_poly.entity_id
_entity_poly.type
_entity_poly.pdbx_seq_one_letter_code
_entity_poly.pdbx_strand_id
1 'polypeptide(L)'
;IVGGQECKDGECPWQALLINEENEGFCGGTILSEFYILTAAHCLYQAKRFKVRVGDRNTEQEEGGEAVHEVEVVIKHNRF
TKETYDFDIAVLRLKTPITFRMNVAPACLPERDWAESTLMTQKTGIVSGFGRTHEKGRQSTRLKMLEVPYVDRNSCKLSS
SFIITQNMFCAGYDTKQEDACQGDSGGPHVTRFKDTYFVTGIVSWGEGCARKGKYGIYTKVTAFLKWIDRSMKT
;
A
2 'polypeptide(L)' LCSLDNGDCDQFCHEEQNSVVCSCARGYTLADNGKACIPTGPYPCGKQTL B
#
# COMPACT_ATOMS: atom_id res chain seq x y z
N ILE A 1 -13.39 -0.03 4.49
CA ILE A 1 -13.27 -1.49 4.22
C ILE A 1 -14.60 -2.18 4.53
N VAL A 2 -15.14 -2.93 3.58
CA VAL A 2 -16.34 -3.79 3.74
C VAL A 2 -15.87 -5.17 4.20
N GLY A 3 -16.33 -5.62 5.37
CA GLY A 3 -15.93 -6.89 5.99
C GLY A 3 -14.54 -6.79 6.59
N GLY A 4 -13.80 -7.89 6.62
CA GLY A 4 -12.42 -7.94 7.15
C GLY A 4 -12.38 -7.70 8.64
N GLN A 5 -11.21 -7.32 9.17
CA GLN A 5 -10.94 -7.22 10.63
C GLN A 5 -10.37 -5.84 10.94
N GLU A 6 -10.54 -5.37 12.18
CA GLU A 6 -9.81 -4.20 12.76
C GLU A 6 -8.32 -4.48 12.70
N CYS A 7 -7.51 -3.46 12.40
CA CYS A 7 -6.04 -3.48 12.61
C CYS A 7 -5.79 -3.41 14.12
N LYS A 8 -5.24 -4.47 14.72
CA LYS A 8 -4.87 -4.49 16.15
C LYS A 8 -3.53 -3.76 16.31
N ASP A 9 -3.17 -3.42 17.55
CA ASP A 9 -1.94 -2.66 17.90
C ASP A 9 -0.74 -3.23 17.13
N GLY A 10 -0.17 -2.42 16.24
CA GLY A 10 1.12 -2.69 15.56
C GLY A 10 0.97 -3.46 14.25
N GLU A 11 -0.27 -3.70 13.78
CA GLU A 11 -0.54 -4.61 12.62
C GLU A 11 -0.46 -3.88 11.27
N CYS A 12 -0.80 -2.59 11.22
CA CYS A 12 -0.94 -1.80 9.96
C CYS A 12 -0.19 -0.48 10.13
N PRO A 13 1.08 -0.51 10.60
CA PRO A 13 1.77 0.71 11.05
C PRO A 13 2.20 1.64 9.91
N TRP A 14 2.11 1.18 8.65
CA TRP A 14 2.43 1.96 7.42
C TRP A 14 1.19 2.74 6.96
N GLN A 15 0.03 2.52 7.60
CA GLN A 15 -1.22 3.25 7.28
C GLN A 15 -1.03 4.75 7.57
N ALA A 16 -1.27 5.60 6.57
CA ALA A 16 -1.39 7.07 6.69
C ALA A 16 -2.83 7.48 6.35
N LEU A 17 -3.33 8.55 6.98
CA LEU A 17 -4.68 9.11 6.71
C LEU A 17 -4.55 10.57 6.25
N LEU A 18 -5.00 10.87 5.04
CA LEU A 18 -5.07 12.25 4.52
C LEU A 18 -6.30 12.93 5.13
N ILE A 19 -6.08 14.05 5.84
CA ILE A 19 -7.15 14.78 6.59
C ILE A 19 -7.34 16.16 5.95
N ASN A 20 -8.60 16.56 5.76
CA ASN A 20 -8.99 17.81 5.05
C ASN A 20 -8.99 19.00 6.03
N GLU A 21 -9.33 20.19 5.53
CA GLU A 21 -9.43 21.47 6.30
C GLU A 21 -10.16 21.24 7.63
N GLU A 22 -11.26 20.46 7.60
CA GLU A 22 -12.16 20.24 8.76
C GLU A 22 -11.81 18.94 9.48
N ASN A 23 -10.59 18.43 9.27
CA ASN A 23 -9.99 17.31 10.05
C ASN A 23 -10.74 16.00 9.78
N GLU A 24 -11.32 15.84 8.58
CA GLU A 24 -12.00 14.60 8.14
C GLU A 24 -11.06 13.80 7.23
N GLY A 25 -10.79 12.54 7.60
CA GLY A 25 -10.05 11.60 6.74
C GLY A 25 -10.84 11.33 5.48
N PHE A 26 -10.26 11.58 4.30
CA PHE A 26 -10.92 11.40 2.98
C PHE A 26 -10.21 10.32 2.16
N CYS A 27 -8.90 10.13 2.37
CA CYS A 27 -8.05 9.16 1.65
C CYS A 27 -7.01 8.57 2.59
N GLY A 28 -6.53 7.37 2.27
CA GLY A 28 -5.37 6.74 2.91
C GLY A 28 -4.07 7.07 2.21
N GLY A 29 -2.97 6.62 2.79
CA GLY A 29 -1.61 6.67 2.24
C GLY A 29 -0.78 5.55 2.83
N THR A 30 0.38 5.29 2.25
CA THR A 30 1.39 4.33 2.78
C THR A 30 2.68 5.06 3.12
N ILE A 31 3.15 4.88 4.36
CA ILE A 31 4.47 5.40 4.83
C ILE A 31 5.56 4.61 4.10
N LEU A 32 6.37 5.29 3.28
CA LEU A 32 7.53 4.70 2.56
C LEU A 32 8.80 4.90 3.38
N SER A 33 8.91 6.04 4.07
CA SER A 33 10.10 6.46 4.85
C SER A 33 9.68 7.63 5.76
N GLU A 34 10.62 8.15 6.55
CA GLU A 34 10.34 9.22 7.54
C GLU A 34 9.79 10.47 6.85
N PHE A 35 10.07 10.68 5.56
CA PHE A 35 9.69 11.92 4.83
C PHE A 35 8.63 11.67 3.74
N TYR A 36 8.42 10.44 3.28
CA TYR A 36 7.63 10.17 2.05
C TYR A 36 6.41 9.29 2.33
N ILE A 37 5.27 9.73 1.82
CA ILE A 37 3.96 9.01 1.82
C ILE A 37 3.59 8.70 0.36
N LEU A 38 3.18 7.46 0.09
CA LEU A 38 2.58 7.02 -1.19
C LEU A 38 1.07 7.17 -1.11
N THR A 39 0.44 7.77 -2.11
CA THR A 39 -1.03 7.88 -2.22
C THR A 39 -1.47 7.88 -3.69
N ALA A 40 -2.78 8.00 -3.90
CA ALA A 40 -3.42 8.04 -5.24
C ALA A 40 -3.54 9.50 -5.67
N ALA A 41 -3.16 9.80 -6.92
CA ALA A 41 -3.23 11.15 -7.53
C ALA A 41 -4.66 11.71 -7.43
N HIS A 42 -5.68 10.88 -7.67
CA HIS A 42 -7.10 11.30 -7.66
C HIS A 42 -7.48 11.86 -6.28
N CYS A 43 -6.79 11.44 -5.21
CA CYS A 43 -7.03 11.90 -3.82
C CYS A 43 -6.71 13.39 -3.69
N LEU A 44 -5.86 13.93 -4.57
CA LEU A 44 -5.37 15.33 -4.53
C LEU A 44 -6.49 16.30 -4.91
N TYR A 45 -7.55 15.82 -5.56
CA TYR A 45 -8.73 16.64 -6.00
C TYR A 45 -9.87 16.54 -4.98
N GLN A 46 -9.66 15.87 -3.85
CA GLN A 46 -10.70 15.61 -2.82
C GLN A 46 -10.70 16.73 -1.77
N ALA A 47 -9.70 17.62 -1.79
CA ALA A 47 -9.51 18.70 -0.78
C ALA A 47 -8.58 19.79 -1.33
N LYS A 48 -8.83 21.04 -0.95
CA LYS A 48 -7.99 22.21 -1.37
C LYS A 48 -6.70 22.22 -0.54
N ARG A 49 -6.82 22.09 0.79
CA ARG A 49 -5.68 21.84 1.71
C ARG A 49 -5.91 20.50 2.41
N PHE A 50 -4.84 19.80 2.77
CA PHE A 50 -4.88 18.55 3.58
C PHE A 50 -3.53 18.34 4.29
N LYS A 51 -3.57 17.61 5.40
CA LYS A 51 -2.37 17.12 6.14
C LYS A 51 -2.40 15.58 6.16
N VAL A 52 -1.35 14.97 6.70
CA VAL A 52 -1.21 13.49 6.85
C VAL A 52 -1.17 13.16 8.35
N ARG A 53 -2.09 12.33 8.83
CA ARG A 53 -2.05 11.76 10.20
C ARG A 53 -1.48 10.34 10.13
N VAL A 54 -0.54 10.02 11.03
CA VAL A 54 0.08 8.66 11.18
C VAL A 54 -0.23 8.13 12.59
N GLY A 55 -0.18 6.81 12.78
CA GLY A 55 -0.35 6.14 14.08
C GLY A 55 -1.76 6.29 14.63
N ASP A 56 -2.74 6.56 13.76
CA ASP A 56 -4.17 6.70 14.12
C ASP A 56 -4.86 5.36 13.85
N ARG A 57 -5.60 4.84 14.85
CA ARG A 57 -6.37 3.58 14.72
CA ARG A 57 -6.37 3.57 14.75
C ARG A 57 -7.85 3.84 15.05
N ASN A 58 -8.13 4.91 15.82
CA ASN A 58 -9.49 5.29 16.27
C ASN A 58 -9.69 6.80 16.06
N THR A 59 -10.56 7.20 15.13
CA THR A 59 -10.79 8.61 14.74
C THR A 59 -11.81 9.26 15.70
N GLU A 60 -12.16 8.59 16.81
CA GLU A 60 -13.10 9.12 17.86
C GLU A 60 -12.42 9.06 19.24
N GLN A 61 -11.12 8.80 19.30
CA GLN A 61 -10.34 8.73 20.57
C GLN A 61 -8.92 9.25 20.32
N GLU A 62 -8.18 9.53 21.39
CA GLU A 62 -6.74 9.92 21.35
C GLU A 62 -5.93 8.77 21.98
N GLU A 63 -5.47 7.82 21.16
CA GLU A 63 -4.69 6.64 21.63
C GLU A 63 -3.25 7.05 21.99
N GLY A 64 -2.81 8.24 21.56
CA GLY A 64 -1.59 8.90 22.08
C GLY A 64 -0.41 8.83 21.12
N GLY A 65 -0.43 7.87 20.19
CA GLY A 65 0.65 7.67 19.20
C GLY A 65 0.38 8.40 17.90
N GLU A 66 -0.76 9.09 17.78
CA GLU A 66 -1.14 9.89 16.59
C GLU A 66 -0.25 11.13 16.49
N ALA A 67 0.10 11.52 15.25
CA ALA A 67 0.83 12.75 14.90
C ALA A 67 0.37 13.21 13.52
N VAL A 68 0.18 14.52 13.34
CA VAL A 68 -0.24 15.17 12.06
C VAL A 68 1.00 15.82 11.45
N HIS A 69 1.20 15.65 10.15
CA HIS A 69 2.36 16.16 9.38
C HIS A 69 1.87 17.02 8.21
N GLU A 70 2.48 18.20 8.04
CA GLU A 70 2.26 19.10 6.88
C GLU A 70 2.99 18.50 5.68
N VAL A 71 2.39 18.63 4.49
CA VAL A 71 3.00 18.18 3.20
C VAL A 71 3.82 19.36 2.66
N GLU A 72 5.12 19.17 2.51
CA GLU A 72 6.05 20.16 1.89
C GLU A 72 5.77 20.22 0.38
N VAL A 73 5.88 19.08 -0.32
CA VAL A 73 5.72 19.01 -1.81
C VAL A 73 4.84 17.81 -2.17
N VAL A 74 3.94 18.02 -3.13
CA VAL A 74 3.11 16.97 -3.80
C VAL A 74 3.77 16.63 -5.13
N ILE A 75 4.08 15.34 -5.34
CA ILE A 75 4.64 14.80 -6.61
C ILE A 75 3.57 13.93 -7.26
N LYS A 76 2.81 14.49 -8.18
CA LYS A 76 1.75 13.78 -8.95
C LYS A 76 2.35 13.31 -10.27
N HIS A 77 2.03 12.09 -10.71
CA HIS A 77 2.42 11.56 -12.04
C HIS A 77 1.82 12.47 -13.12
N ASN A 78 2.64 12.94 -14.07
CA ASN A 78 2.23 13.92 -15.11
C ASN A 78 1.17 13.31 -16.03
N ARG A 79 1.09 11.97 -16.11
CA ARG A 79 0.17 11.24 -17.02
C ARG A 79 -1.10 10.78 -16.31
N PHE A 80 -1.39 11.29 -15.10
CA PHE A 80 -2.66 10.97 -14.38
C PHE A 80 -3.85 11.43 -15.23
N THR A 81 -4.79 10.53 -15.49
CA THR A 81 -6.00 10.77 -16.33
C THR A 81 -7.24 10.65 -15.45
N LYS A 82 -7.87 11.78 -15.10
CA LYS A 82 -9.07 11.87 -14.23
C LYS A 82 -10.21 11.06 -14.83
N GLU A 83 -10.25 10.93 -16.15
CA GLU A 83 -11.35 10.27 -16.91
C GLU A 83 -11.33 8.76 -16.65
N THR A 84 -10.15 8.16 -16.43
CA THR A 84 -9.95 6.69 -16.32
C THR A 84 -9.28 6.29 -15.01
N TYR A 85 -8.75 7.24 -14.23
CA TYR A 85 -7.89 7.01 -13.04
C TYR A 85 -6.63 6.23 -13.45
N ASP A 86 -6.11 6.49 -14.67
CA ASP A 86 -4.83 5.89 -15.13
C ASP A 86 -3.68 6.71 -14.54
N PHE A 87 -2.53 6.08 -14.28
CA PHE A 87 -1.36 6.67 -13.59
C PHE A 87 -1.80 7.25 -12.24
N ASP A 88 -2.66 6.53 -11.51
CA ASP A 88 -3.26 6.98 -10.21
C ASP A 88 -2.23 6.77 -9.08
N ILE A 89 -1.21 7.63 -9.05
CA ILE A 89 -0.09 7.55 -8.07
C ILE A 89 0.42 8.97 -7.80
N ALA A 90 0.67 9.27 -6.53
CA ALA A 90 1.33 10.51 -6.05
C ALA A 90 2.27 10.16 -4.90
N VAL A 91 3.33 10.95 -4.73
CA VAL A 91 4.25 10.89 -3.57
C VAL A 91 4.20 12.26 -2.86
N LEU A 92 4.05 12.23 -1.53
CA LEU A 92 4.03 13.43 -0.66
C LEU A 92 5.33 13.47 0.13
N ARG A 93 6.11 14.56 0.03
CA ARG A 93 7.21 14.84 0.98
C ARG A 93 6.62 15.68 2.11
N LEU A 94 6.86 15.27 3.36
CA LEU A 94 6.33 15.94 4.57
C LEU A 94 7.31 17.05 4.96
N LYS A 95 6.80 18.14 5.55
CA LYS A 95 7.63 19.26 6.08
C LYS A 95 8.52 18.73 7.21
N THR A 96 7.96 17.87 8.07
CA THR A 96 8.66 17.29 9.26
C THR A 96 8.70 15.78 9.12
N PRO A 97 9.81 15.11 9.53
CA PRO A 97 9.93 13.66 9.40
C PRO A 97 9.08 12.90 10.41
N ILE A 98 8.53 11.76 10.00
CA ILE A 98 7.82 10.79 10.90
C ILE A 98 8.87 10.16 11.81
N THR A 99 8.52 9.96 13.08
CA THR A 99 9.33 9.19 14.06
C THR A 99 8.66 7.82 14.21
N PHE A 100 9.35 6.76 13.83
CA PHE A 100 8.82 5.38 13.86
C PHE A 100 8.64 4.99 15.32
N ARG A 101 7.59 4.22 15.60
CA ARG A 101 7.17 3.79 16.95
C ARG A 101 6.06 2.75 16.78
N MET A 102 5.40 2.37 17.88
CA MET A 102 4.16 1.55 17.88
C MET A 102 3.18 2.14 16.87
N ASN A 103 2.71 1.34 15.91
CA ASN A 103 1.67 1.73 14.90
C ASN A 103 2.21 2.78 13.92
N VAL A 104 3.52 3.04 13.87
CA VAL A 104 4.14 4.00 12.91
C VAL A 104 5.44 3.40 12.39
N ALA A 105 5.39 2.75 11.23
CA ALA A 105 6.55 2.11 10.57
C ALA A 105 6.34 2.07 9.06
N PRO A 106 7.41 2.09 8.25
CA PRO A 106 7.27 2.10 6.79
C PRO A 106 7.07 0.70 6.22
N ALA A 107 6.30 0.58 5.13
CA ALA A 107 6.24 -0.62 4.27
C ALA A 107 7.50 -0.66 3.41
N CYS A 108 8.03 -1.84 3.09
CA CYS A 108 9.24 -1.99 2.23
C CYS A 108 8.85 -1.78 0.76
N LEU A 109 9.64 -0.99 0.03
CA LEU A 109 9.58 -0.91 -1.46
C LEU A 109 10.29 -2.14 -2.04
N PRO A 110 9.58 -3.01 -2.78
CA PRO A 110 10.23 -4.17 -3.40
C PRO A 110 10.98 -3.77 -4.68
N GLU A 111 11.83 -4.65 -5.20
CA GLU A 111 12.41 -4.53 -6.57
C GLU A 111 11.40 -5.11 -7.55
N ARG A 112 11.25 -4.48 -8.72
CA ARG A 112 10.12 -4.73 -9.66
C ARG A 112 10.08 -6.20 -10.05
N ASP A 113 11.19 -6.74 -10.56
CA ASP A 113 11.24 -8.07 -11.22
C ASP A 113 10.81 -9.13 -10.20
N TRP A 114 11.37 -9.05 -9.00
CA TRP A 114 11.05 -9.98 -7.87
C TRP A 114 9.59 -9.80 -7.46
N ALA A 115 9.14 -8.55 -7.29
CA ALA A 115 7.75 -8.25 -6.86
C ALA A 115 6.75 -8.94 -7.81
N GLU A 116 6.93 -8.73 -9.12
CA GLU A 116 5.98 -9.23 -10.15
C GLU A 116 6.02 -10.75 -10.19
N SER A 117 7.21 -11.36 -10.15
CA SER A 117 7.38 -12.83 -10.28
C SER A 117 7.06 -13.55 -8.97
N THR A 118 7.31 -12.93 -7.80
CA THR A 118 7.22 -13.59 -6.47
C THR A 118 6.02 -13.07 -5.64
N LEU A 119 5.88 -11.75 -5.47
CA LEU A 119 4.82 -11.18 -4.58
C LEU A 119 3.45 -11.30 -5.25
N MET A 120 3.29 -10.80 -6.47
CA MET A 120 1.96 -10.68 -7.13
C MET A 120 1.53 -12.03 -7.71
N THR A 121 2.31 -13.11 -7.47
CA THR A 121 1.92 -14.52 -7.73
C THR A 121 1.65 -15.26 -6.42
N GLN A 122 1.72 -14.56 -5.27
CA GLN A 122 1.14 -15.06 -3.98
C GLN A 122 -0.38 -15.12 -4.14
N LYS A 123 -1.07 -15.84 -3.25
CA LYS A 123 -2.55 -16.00 -3.32
C LYS A 123 -3.23 -14.65 -3.00
N THR A 124 -2.75 -13.96 -1.96
CA THR A 124 -3.45 -12.78 -1.38
C THR A 124 -2.46 -11.67 -1.04
N GLY A 125 -2.96 -10.43 -1.08
CA GLY A 125 -2.37 -9.25 -0.42
C GLY A 125 -3.31 -8.72 0.65
N ILE A 126 -2.89 -7.71 1.41
CA ILE A 126 -3.73 -7.08 2.47
C ILE A 126 -3.88 -5.61 2.13
N VAL A 127 -5.13 -5.13 2.08
CA VAL A 127 -5.51 -3.69 1.92
C VAL A 127 -6.02 -3.19 3.28
N SER A 128 -5.87 -1.90 3.55
CA SER A 128 -6.29 -1.27 4.84
C SER A 128 -6.75 0.17 4.60
N GLY A 129 -7.53 0.69 5.54
CA GLY A 129 -8.01 2.09 5.52
C GLY A 129 -9.21 2.32 6.41
N PHE A 130 -9.63 3.58 6.46
CA PHE A 130 -10.75 4.12 7.27
C PHE A 130 -11.98 4.35 6.38
N GLY A 131 -11.97 3.77 5.17
CA GLY A 131 -13.06 3.89 4.18
C GLY A 131 -14.36 3.28 4.69
N ARG A 132 -15.42 3.35 3.87
CA ARG A 132 -16.80 2.96 4.24
C ARG A 132 -16.86 1.45 4.51
N THR A 133 -17.66 1.05 5.49
CA THR A 133 -17.87 -0.36 5.93
C THR A 133 -19.05 -0.96 5.14
N HIS A 134 -19.84 -0.11 4.46
CA HIS A 134 -20.92 -0.53 3.52
C HIS A 134 -20.91 0.40 2.28
N GLU A 135 -21.19 0.03 1.10
CA GLU A 135 -21.12 0.82 -0.17
C GLU A 135 -21.77 2.20 0.03
N LYS A 136 -23.01 2.24 0.53
CA LYS A 136 -23.78 3.50 0.78
C LYS A 136 -23.75 3.82 2.28
N GLY A 137 -22.69 3.41 2.97
CA GLY A 137 -22.53 3.57 4.44
C GLY A 137 -21.69 4.79 4.78
N ARG A 138 -21.30 4.91 6.04
CA ARG A 138 -20.39 5.98 6.53
C ARG A 138 -18.99 5.38 6.69
N GLN A 139 -17.97 6.24 6.72
CA GLN A 139 -16.55 5.82 6.86
C GLN A 139 -16.36 5.22 8.25
N SER A 140 -15.41 4.29 8.37
CA SER A 140 -15.03 3.61 9.63
C SER A 140 -14.33 4.60 10.55
N THR A 141 -14.61 4.51 11.85
CA THR A 141 -13.87 5.24 12.93
C THR A 141 -12.70 4.37 13.42
N ARG A 142 -12.67 3.10 13.01
CA ARG A 142 -11.57 2.14 13.30
C ARG A 142 -10.83 1.81 11.99
N LEU A 143 -9.49 1.84 12.04
CA LEU A 143 -8.64 1.34 10.93
C LEU A 143 -8.93 -0.14 10.74
N LYS A 144 -9.20 -0.57 9.51
CA LYS A 144 -9.52 -1.98 9.19
C LYS A 144 -8.53 -2.50 8.15
N MET A 145 -8.42 -3.83 8.08
CA MET A 145 -7.58 -4.57 7.11
C MET A 145 -8.46 -5.65 6.48
N LEU A 146 -8.11 -6.06 5.27
CA LEU A 146 -8.82 -7.14 4.55
C LEU A 146 -7.80 -7.86 3.67
N GLU A 147 -7.76 -9.19 3.78
CA GLU A 147 -6.97 -10.06 2.88
C GLU A 147 -7.75 -10.16 1.56
N VAL A 148 -7.10 -9.84 0.43
CA VAL A 148 -7.74 -9.80 -0.92
C VAL A 148 -6.93 -10.68 -1.87
N PRO A 149 -7.56 -11.74 -2.45
CA PRO A 149 -6.93 -12.55 -3.48
C PRO A 149 -6.49 -11.71 -4.69
N TYR A 150 -5.32 -11.99 -5.24
CA TYR A 150 -4.88 -11.46 -6.57
C TYR A 150 -5.83 -12.05 -7.63
N VAL A 151 -6.21 -11.24 -8.63
CA VAL A 151 -7.09 -11.65 -9.76
C VAL A 151 -6.27 -11.56 -11.05
N ASP A 152 -6.28 -12.62 -11.86
CA ASP A 152 -5.56 -12.66 -13.18
C ASP A 152 -6.12 -11.54 -14.05
N ARG A 153 -5.25 -10.89 -14.83
CA ARG A 153 -5.57 -9.71 -15.68
C ARG A 153 -6.81 -9.97 -16.53
N ASN A 154 -6.91 -11.16 -17.11
CA ASN A 154 -7.94 -11.54 -18.12
C ASN A 154 -9.32 -11.48 -17.46
N SER A 155 -9.53 -12.25 -16.40
CA SER A 155 -10.80 -12.31 -15.63
C SER A 155 -11.21 -10.90 -15.20
N CYS A 156 -10.23 -10.09 -14.79
CA CYS A 156 -10.45 -8.71 -14.32
C CYS A 156 -10.97 -7.83 -15.45
N LYS A 157 -10.31 -7.87 -16.62
CA LYS A 157 -10.70 -7.07 -17.81
C LYS A 157 -12.12 -7.49 -18.23
N LEU A 158 -12.40 -8.79 -18.25
CA LEU A 158 -13.76 -9.33 -18.53
C LEU A 158 -14.77 -8.67 -17.58
N SER A 159 -14.43 -8.56 -16.29
CA SER A 159 -15.33 -8.13 -15.19
C SER A 159 -15.69 -6.64 -15.34
N SER A 160 -14.74 -5.80 -15.78
CA SER A 160 -14.87 -4.32 -15.75
C SER A 160 -15.71 -3.83 -16.94
N SER A 161 -16.55 -2.83 -16.70
CA SER A 161 -17.26 -2.02 -17.72
C SER A 161 -16.38 -0.82 -18.12
N PHE A 162 -15.42 -0.48 -17.27
CA PHE A 162 -14.47 0.65 -17.46
C PHE A 162 -13.12 0.06 -17.87
N ILE A 163 -12.24 0.91 -18.40
CA ILE A 163 -10.90 0.51 -18.94
C ILE A 163 -10.01 0.06 -17.77
N ILE A 164 -9.39 -1.11 -17.90
CA ILE A 164 -8.31 -1.62 -17.01
C ILE A 164 -6.99 -1.46 -17.77
N THR A 165 -6.16 -0.49 -17.39
CA THR A 165 -4.87 -0.18 -18.05
C THR A 165 -3.78 -1.07 -17.46
N GLN A 166 -2.58 -1.01 -18.04
CA GLN A 166 -1.39 -1.78 -17.61
CA GLN A 166 -1.39 -1.78 -17.61
C GLN A 166 -0.86 -1.22 -16.28
N ASN A 167 -1.35 -0.05 -15.86
CA ASN A 167 -0.94 0.63 -14.60
C ASN A 167 -1.91 0.25 -13.47
N MET A 168 -2.76 -0.75 -13.71
CA MET A 168 -3.81 -1.22 -12.78
C MET A 168 -3.73 -2.74 -12.68
N PHE A 169 -4.03 -3.27 -11.49
CA PHE A 169 -4.37 -4.71 -11.28
C PHE A 169 -5.62 -4.78 -10.40
N CYS A 170 -6.12 -6.00 -10.24
CA CYS A 170 -7.43 -6.28 -9.62
C CYS A 170 -7.25 -7.28 -8.47
N ALA A 171 -7.99 -7.06 -7.38
CA ALA A 171 -7.90 -7.88 -6.15
C ALA A 171 -9.24 -7.83 -5.42
N GLY A 172 -9.51 -8.88 -4.63
CA GLY A 172 -10.78 -9.07 -3.92
C GLY A 172 -11.46 -10.34 -4.38
N TYR A 173 -12.76 -10.46 -4.11
CA TYR A 173 -13.58 -11.69 -4.31
C TYR A 173 -14.61 -11.43 -5.41
N ASP A 174 -15.00 -12.51 -6.11
CA ASP A 174 -16.07 -12.49 -7.14
C ASP A 174 -17.39 -12.15 -6.46
N THR A 175 -17.89 -13.04 -5.60
CA THR A 175 -19.23 -13.00 -4.97
C THR A 175 -19.14 -12.52 -3.51
N LYS A 176 -18.13 -12.99 -2.77
CA LYS A 176 -17.99 -12.74 -1.30
C LYS A 176 -18.03 -11.23 -1.04
N GLN A 177 -18.67 -10.83 0.07
CA GLN A 177 -19.08 -9.43 0.38
C GLN A 177 -17.99 -8.71 1.19
N GLU A 178 -16.74 -8.79 0.73
CA GLU A 178 -15.57 -8.11 1.36
C GLU A 178 -14.79 -7.40 0.26
N ASP A 179 -14.41 -6.14 0.50
CA ASP A 179 -13.75 -5.25 -0.49
C ASP A 179 -13.28 -3.96 0.20
N ALA A 180 -12.36 -3.24 -0.43
CA ALA A 180 -12.09 -1.81 -0.12
C ALA A 180 -13.32 -1.02 -0.56
N CYS A 181 -13.45 0.22 -0.10
CA CYS A 181 -14.60 1.10 -0.41
C CYS A 181 -14.17 2.56 -0.33
N GLN A 182 -15.10 3.49 -0.56
CA GLN A 182 -14.84 4.95 -0.65
C GLN A 182 -14.15 5.43 0.63
N GLY A 183 -13.06 6.18 0.49
CA GLY A 183 -12.23 6.66 1.60
C GLY A 183 -10.96 5.83 1.78
N ASP A 184 -10.97 4.58 1.32
CA ASP A 184 -9.78 3.67 1.35
C ASP A 184 -8.76 4.08 0.28
N SER A 185 -9.19 4.77 -0.78
CA SER A 185 -8.32 5.19 -1.93
C SER A 185 -7.03 5.85 -1.41
N GLY A 186 -5.90 5.52 -2.04
CA GLY A 186 -4.57 6.06 -1.72
C GLY A 186 -3.85 5.22 -0.68
N GLY A 187 -4.59 4.34 0.01
CA GLY A 187 -4.07 3.53 1.13
C GLY A 187 -3.24 2.33 0.65
N PRO A 188 -2.72 1.53 1.59
CA PRO A 188 -1.80 0.44 1.27
C PRO A 188 -2.50 -0.79 0.67
N HIS A 189 -1.89 -1.36 -0.35
CA HIS A 189 -2.01 -2.80 -0.71
C HIS A 189 -0.62 -3.42 -0.55
N VAL A 190 -0.46 -4.28 0.44
CA VAL A 190 0.86 -4.89 0.81
C VAL A 190 0.76 -6.40 0.63
N THR A 191 1.88 -7.06 0.34
CA THR A 191 2.00 -8.52 0.21
C THR A 191 3.06 -8.99 1.21
N ARG A 192 2.69 -9.92 2.08
CA ARG A 192 3.56 -10.57 3.08
C ARG A 192 4.43 -11.60 2.37
N PHE A 193 5.74 -11.55 2.58
CA PHE A 193 6.70 -12.62 2.16
C PHE A 193 7.67 -12.88 3.32
N LYS A 194 7.69 -14.12 3.80
CA LYS A 194 8.46 -14.55 5.00
C LYS A 194 8.36 -13.47 6.09
N ASP A 195 7.14 -13.04 6.43
CA ASP A 195 6.84 -12.16 7.60
C ASP A 195 7.38 -10.74 7.40
N THR A 196 7.65 -10.31 6.16
CA THR A 196 7.94 -8.91 5.79
C THR A 196 6.90 -8.44 4.76
N TYR A 197 6.37 -7.23 4.96
CA TYR A 197 5.28 -6.64 4.14
C TYR A 197 5.87 -5.66 3.13
N PHE A 198 5.62 -5.92 1.84
CA PHE A 198 6.07 -5.07 0.70
C PHE A 198 4.85 -4.37 0.11
N VAL A 199 4.96 -3.07 -0.18
CA VAL A 199 3.93 -2.33 -0.93
C VAL A 199 3.84 -2.94 -2.34
N THR A 200 2.64 -3.35 -2.76
CA THR A 200 2.36 -3.97 -4.08
C THR A 200 1.27 -3.17 -4.82
N GLY A 201 0.51 -2.32 -4.12
CA GLY A 201 -0.59 -1.56 -4.75
C GLY A 201 -0.93 -0.27 -4.03
N ILE A 202 -1.68 0.60 -4.71
CA ILE A 202 -2.43 1.74 -4.10
C ILE A 202 -3.91 1.53 -4.37
N VAL A 203 -4.74 1.51 -3.32
CA VAL A 203 -6.23 1.53 -3.45
C VAL A 203 -6.56 2.68 -4.41
N SER A 204 -7.18 2.39 -5.55
CA SER A 204 -7.48 3.37 -6.62
C SER A 204 -9.00 3.55 -6.73
N TRP A 205 -9.73 2.55 -7.20
CA TRP A 205 -11.18 2.69 -7.48
C TRP A 205 -11.86 1.32 -7.55
N GLY A 206 -13.19 1.35 -7.68
CA GLY A 206 -14.04 0.17 -7.88
C GLY A 206 -15.45 0.59 -8.25
N GLU A 207 -16.19 -0.29 -8.90
CA GLU A 207 -17.60 -0.04 -9.31
C GLU A 207 -18.50 -0.25 -8.08
N GLY A 208 -18.72 0.75 -7.31
CA GLY A 208 -19.17 0.70 -5.92
C GLY A 208 -18.17 -0.06 -5.05
N CYS A 209 -18.67 -1.00 -4.23
CA CYS A 209 -17.86 -1.81 -3.29
C CYS A 209 -18.50 -3.20 -3.14
N ALA A 210 -17.68 -4.26 -3.20
CA ALA A 210 -18.01 -5.65 -2.83
C ALA A 210 -19.16 -6.22 -3.69
N ARG A 211 -19.36 -5.67 -4.90
CA ARG A 211 -20.44 -6.10 -5.83
C ARG A 211 -20.07 -7.43 -6.48
N LYS A 212 -21.07 -8.25 -6.79
CA LYS A 212 -20.94 -9.56 -7.49
C LYS A 212 -20.21 -9.35 -8.82
N GLY A 213 -19.24 -10.21 -9.14
CA GLY A 213 -18.47 -10.18 -10.41
C GLY A 213 -17.64 -8.92 -10.58
N LYS A 214 -17.44 -8.13 -9.51
CA LYS A 214 -16.65 -6.87 -9.53
C LYS A 214 -15.52 -6.95 -8.50
N TYR A 215 -14.36 -6.40 -8.83
CA TYR A 215 -13.13 -6.43 -8.00
C TYR A 215 -12.72 -5.00 -7.62
N GLY A 216 -11.95 -4.88 -6.54
CA GLY A 216 -11.19 -3.66 -6.24
C GLY A 216 -10.09 -3.47 -7.27
N ILE A 217 -9.81 -2.22 -7.64
CA ILE A 217 -8.76 -1.85 -8.64
C ILE A 217 -7.67 -1.08 -7.91
N TYR A 218 -6.42 -1.49 -8.16
CA TYR A 218 -5.20 -1.03 -7.47
C TYR A 218 -4.22 -0.54 -8.53
N THR A 219 -3.60 0.62 -8.28
CA THR A 219 -2.43 1.11 -9.05
C THR A 219 -1.31 0.07 -8.91
N LYS A 220 -0.77 -0.39 -10.03
CA LYS A 220 0.33 -1.39 -10.09
C LYS A 220 1.64 -0.68 -9.70
N VAL A 221 1.94 -0.66 -8.40
CA VAL A 221 3.12 0.04 -7.81
C VAL A 221 4.41 -0.45 -8.49
N THR A 222 4.48 -1.75 -8.81
CA THR A 222 5.67 -2.40 -9.42
C THR A 222 6.11 -1.64 -10.68
N ALA A 223 5.17 -1.08 -11.45
CA ALA A 223 5.43 -0.36 -12.72
C ALA A 223 5.93 1.07 -12.45
N PHE A 224 5.93 1.53 -11.19
CA PHE A 224 6.27 2.94 -10.84
C PHE A 224 7.43 3.00 -9.84
N LEU A 225 8.14 1.89 -9.65
CA LEU A 225 9.19 1.78 -8.61
C LEU A 225 10.34 2.74 -8.91
N LYS A 226 10.76 2.86 -10.17
CA LYS A 226 11.82 3.82 -10.57
C LYS A 226 11.28 5.24 -10.42
N TRP A 227 10.02 5.47 -10.82
CA TRP A 227 9.32 6.78 -10.64
C TRP A 227 9.27 7.15 -9.15
N ILE A 228 8.90 6.20 -8.28
CA ILE A 228 8.87 6.41 -6.80
C ILE A 228 10.29 6.75 -6.32
N ASP A 229 11.28 5.92 -6.68
CA ASP A 229 12.71 6.10 -6.30
C ASP A 229 13.19 7.49 -6.71
N ARG A 230 12.80 7.97 -7.90
CA ARG A 230 13.23 9.29 -8.46
C ARG A 230 12.56 10.42 -7.67
N SER A 231 11.26 10.26 -7.35
CA SER A 231 10.45 11.22 -6.56
C SER A 231 11.05 11.40 -5.16
N MET A 232 11.60 10.32 -4.59
CA MET A 232 12.03 10.26 -3.16
C MET A 232 13.42 10.89 -2.99
N LYS A 233 14.04 11.38 -4.06
CA LYS A 233 15.34 12.09 -4.04
C LYS A 233 15.14 13.55 -4.43
N THR A 234 13.91 14.07 -4.30
CA THR A 234 13.52 15.46 -4.65
C THR A 234 12.02 15.65 -4.36
N LEU B 1 15.69 -21.65 -9.99
CA LEU B 1 16.53 -21.45 -8.77
C LEU B 1 15.84 -20.48 -7.79
N CYS B 2 15.54 -19.26 -8.24
CA CYS B 2 14.68 -18.29 -7.51
C CYS B 2 13.23 -18.80 -7.51
N SER B 3 12.91 -19.76 -8.40
CA SER B 3 11.63 -20.50 -8.44
C SER B 3 11.58 -21.53 -7.31
N LEU B 4 12.74 -22.08 -6.93
CA LEU B 4 12.89 -23.09 -5.84
C LEU B 4 12.96 -22.35 -4.51
N ASP B 5 11.80 -22.13 -3.87
CA ASP B 5 11.67 -21.51 -2.52
C ASP B 5 12.48 -20.21 -2.50
N ASN B 6 12.37 -19.39 -3.55
CA ASN B 6 12.98 -18.03 -3.65
C ASN B 6 14.50 -18.13 -3.53
N GLY B 7 15.08 -19.25 -3.96
CA GLY B 7 16.53 -19.56 -3.85
C GLY B 7 17.01 -19.51 -2.40
N ASP B 8 16.13 -19.71 -1.43
CA ASP B 8 16.45 -19.71 0.03
C ASP B 8 16.68 -18.29 0.53
N CYS B 9 16.43 -17.26 -0.29
CA CYS B 9 16.57 -15.83 0.08
C CYS B 9 15.43 -15.43 1.03
N ASP B 10 15.71 -14.59 2.03
CA ASP B 10 14.70 -13.98 2.91
C ASP B 10 13.82 -13.03 2.09
N GLN B 11 14.44 -12.27 1.19
CA GLN B 11 13.79 -11.16 0.44
C GLN B 11 14.10 -11.33 -1.05
N PHE B 12 14.77 -10.34 -1.66
CA PHE B 12 14.98 -10.28 -3.14
C PHE B 12 15.91 -11.43 -3.54
N CYS B 13 15.49 -12.17 -4.56
CA CYS B 13 16.24 -13.25 -5.25
C CYS B 13 16.42 -12.86 -6.71
N HIS B 14 17.65 -12.89 -7.22
CA HIS B 14 18.00 -12.60 -8.64
C HIS B 14 18.95 -13.68 -9.15
N GLU B 15 18.66 -14.24 -10.33
CA GLU B 15 19.50 -15.25 -11.03
C GLU B 15 20.51 -14.53 -11.93
N GLU B 16 21.80 -14.60 -11.57
CA GLU B 16 22.90 -13.92 -12.30
C GLU B 16 23.97 -14.96 -12.67
N GLN B 17 24.10 -15.24 -13.97
CA GLN B 17 25.08 -16.21 -14.56
C GLN B 17 24.88 -17.59 -13.90
N ASN B 18 23.63 -18.08 -13.90
CA ASN B 18 23.29 -19.50 -13.58
C ASN B 18 23.14 -19.70 -12.06
N SER B 19 23.39 -18.67 -11.24
CA SER B 19 23.47 -18.76 -9.76
C SER B 19 22.47 -17.79 -9.11
N VAL B 20 21.99 -18.12 -7.91
CA VAL B 20 21.11 -17.24 -7.08
C VAL B 20 21.97 -16.14 -6.43
N VAL B 21 21.46 -14.92 -6.42
CA VAL B 21 21.97 -13.78 -5.60
C VAL B 21 20.79 -13.23 -4.80
N CYS B 22 20.93 -13.17 -3.48
CA CYS B 22 19.95 -12.61 -2.52
C CYS B 22 20.35 -11.17 -2.20
N SER B 23 19.36 -10.30 -2.02
CA SER B 23 19.55 -8.93 -1.50
C SER B 23 18.38 -8.61 -0.56
N CYS B 24 18.44 -7.46 0.09
CA CYS B 24 17.50 -7.02 1.16
C CYS B 24 17.10 -5.57 0.92
N ALA B 25 15.91 -5.18 1.37
CA ALA B 25 15.39 -3.80 1.32
C ALA B 25 16.28 -2.88 2.18
N ARG B 26 16.11 -1.57 2.04
CA ARG B 26 16.80 -0.56 2.88
C ARG B 26 16.41 -0.79 4.35
N GLY B 27 17.36 -0.64 5.27
CA GLY B 27 17.18 -0.86 6.72
C GLY B 27 17.46 -2.29 7.11
N TYR B 28 17.85 -3.14 6.16
CA TYR B 28 18.27 -4.55 6.36
C TYR B 28 19.67 -4.76 5.81
N THR B 29 20.43 -5.68 6.43
CA THR B 29 21.77 -6.11 5.96
C THR B 29 21.76 -7.64 5.75
N LEU B 30 22.28 -8.09 4.60
CA LEU B 30 22.42 -9.54 4.27
C LEU B 30 23.38 -10.19 5.28
N ALA B 31 23.01 -11.34 5.84
CA ALA B 31 23.81 -12.07 6.85
C ALA B 31 25.01 -12.74 6.17
N ASP B 32 25.86 -13.41 6.96
CA ASP B 32 27.09 -14.10 6.49
C ASP B 32 26.73 -15.19 5.48
N ASN B 33 25.54 -15.79 5.62
CA ASN B 33 25.08 -16.94 4.80
C ASN B 33 24.70 -16.47 3.40
N GLY B 34 24.65 -15.15 3.18
CA GLY B 34 24.31 -14.52 1.90
C GLY B 34 22.86 -14.74 1.49
N LYS B 35 21.95 -14.90 2.46
CA LYS B 35 20.52 -15.24 2.20
C LYS B 35 19.60 -14.50 3.17
N ALA B 36 19.80 -14.64 4.48
CA ALA B 36 18.99 -14.00 5.55
C ALA B 36 19.18 -12.48 5.46
N CYS B 37 18.13 -11.72 5.80
CA CYS B 37 18.15 -10.23 5.89
C CYS B 37 18.00 -9.81 7.35
N ILE B 38 18.99 -9.09 7.89
CA ILE B 38 19.07 -8.67 9.31
C ILE B 38 18.70 -7.20 9.40
N PRO B 39 17.67 -6.83 10.21
CA PRO B 39 17.39 -5.42 10.51
C PRO B 39 18.62 -4.71 11.06
N THR B 40 18.79 -3.43 10.70
CA THR B 40 19.88 -2.53 11.17
C THR B 40 19.37 -1.61 12.29
N GLY B 41 18.06 -1.34 12.31
CA GLY B 41 17.41 -0.45 13.30
C GLY B 41 16.26 -1.13 14.03
N PRO B 42 15.60 -0.44 14.99
CA PRO B 42 14.45 -0.98 15.70
C PRO B 42 13.12 -1.01 14.91
N TYR B 43 13.00 -0.21 13.84
CA TYR B 43 11.77 -0.11 13.02
C TYR B 43 12.12 -0.32 11.54
N PRO B 44 12.57 -1.53 11.17
CA PRO B 44 12.85 -1.86 9.77
C PRO B 44 11.53 -1.90 9.00
N CYS B 45 11.54 -1.55 7.72
CA CYS B 45 10.32 -1.51 6.87
C CYS B 45 9.70 -2.90 6.82
N GLY B 46 8.36 -2.97 6.75
CA GLY B 46 7.61 -4.20 6.46
C GLY B 46 7.42 -5.08 7.69
N LYS B 47 7.76 -4.59 8.89
CA LYS B 47 7.60 -5.33 10.17
C LYS B 47 6.47 -4.73 11.01
N GLN B 48 5.50 -5.56 11.36
CA GLN B 48 4.45 -5.20 12.36
C GLN B 48 5.15 -4.85 13.67
N THR B 49 4.70 -3.77 14.32
CA THR B 49 5.26 -3.28 15.61
C THR B 49 4.53 -3.98 16.76
N LEU B 50 4.52 -5.32 16.77
CA LEU B 50 3.81 -6.17 17.77
C LEU B 50 4.68 -6.29 19.02
#